data_6N3V
#
_entry.id   6N3V
#
_cell.length_a   77.922
_cell.length_b   46.306
_cell.length_c   63.960
_cell.angle_alpha   90.000
_cell.angle_beta   94.960
_cell.angle_gamma   90.000
#
_symmetry.space_group_name_H-M   'C 1 2 1'
#
loop_
_entity.id
_entity.type
_entity.pdbx_description
1 polymer 'Histidine triad nucleotide-binding protein 1'
2 non-polymer "5'-O-(ethylcarbamoyl)guanosine"
3 non-polymer 'CHLORIDE ION'
4 water water
#
_entity_poly.entity_id   1
_entity_poly.type   'polypeptide(L)'
_entity_poly.pdbx_seq_one_letter_code
;SNAMADEIAKAQVARPGGDTIFGKIIRKEIPAKIIFEDDRCLAFHDISPQAPTHFLVIPKKHISQISVAEDDDESLLGHL
MIVGKKCAADLGLNKGYRMVVNEGSDGGQSVYHVHLHVLGGRQMHWPPG
;
_entity_poly.pdbx_strand_id   A,B
#
loop_
_chem_comp.id
_chem_comp.type
_chem_comp.name
_chem_comp.formula
CL non-polymer 'CHLORIDE ION' 'Cl -1'
KB7 non-polymer 5'-O-(ethylcarbamoyl)guanosine 'C13 H18 N6 O6'
#
# COMPACT_ATOMS: atom_id res chain seq x y z
N ARG A 15 -11.94 -24.20 -1.55
CA ARG A 15 -10.53 -24.47 -1.27
C ARG A 15 -9.89 -23.24 -0.62
N PRO A 16 -8.97 -23.46 0.31
CA PRO A 16 -8.39 -22.34 1.06
C PRO A 16 -7.61 -21.38 0.17
N GLY A 17 -8.01 -20.11 0.19
CA GLY A 17 -7.43 -19.09 -0.66
C GLY A 17 -8.26 -18.76 -1.89
N GLY A 18 -9.25 -19.58 -2.23
CA GLY A 18 -10.09 -19.34 -3.37
C GLY A 18 -9.47 -19.83 -4.67
N ASP A 19 -10.15 -19.54 -5.77
CA ASP A 19 -9.73 -20.05 -7.08
C ASP A 19 -9.32 -18.96 -8.06
N THR A 20 -9.10 -17.72 -7.62
CA THR A 20 -8.35 -16.81 -8.46
C THR A 20 -6.96 -17.39 -8.69
N ILE A 21 -6.26 -16.84 -9.69
CA ILE A 21 -4.88 -17.27 -9.93
C ILE A 21 -4.05 -17.22 -8.66
N PHE A 22 -4.32 -16.25 -7.78
CA PHE A 22 -3.52 -16.11 -6.56
C PHE A 22 -3.85 -17.22 -5.57
N GLY A 23 -5.11 -17.63 -5.48
CA GLY A 23 -5.46 -18.79 -4.68
C GLY A 23 -4.80 -20.06 -5.17
N LYS A 24 -4.74 -20.24 -6.50
CA LYS A 24 -4.04 -21.39 -7.08
C LYS A 24 -2.55 -21.35 -6.76
N ILE A 25 -1.94 -20.17 -6.83
CA ILE A 25 -0.53 -20.02 -6.47
C ILE A 25 -0.29 -20.34 -5.00
N ILE A 26 -1.16 -19.83 -4.12
CA ILE A 26 -1.07 -20.14 -2.69
C ILE A 26 -1.00 -21.65 -2.45
N ARG A 27 -1.83 -22.41 -3.15
CA ARG A 27 -1.90 -23.86 -2.96
C ARG A 27 -0.91 -24.64 -3.82
N LYS A 28 0.04 -23.96 -4.46
CA LYS A 28 1.07 -24.59 -5.29
C LYS A 28 0.49 -25.34 -6.48
N GLU A 29 -0.71 -24.95 -6.94
CA GLU A 29 -1.34 -25.58 -8.08
C GLU A 29 -0.92 -24.94 -9.39
N ILE A 30 -0.46 -23.69 -9.33
N ILE A 30 -0.45 -23.70 -9.33
CA ILE A 30 0.12 -22.97 -10.46
CA ILE A 30 0.14 -23.00 -10.47
C ILE A 30 1.50 -22.52 -9.97
C ILE A 30 1.50 -22.48 -10.00
N PRO A 31 2.55 -22.62 -10.79
CA PRO A 31 3.89 -22.24 -10.31
C PRO A 31 4.05 -20.73 -10.23
N ALA A 32 4.97 -20.33 -9.34
CA ALA A 32 5.33 -18.94 -9.18
C ALA A 32 6.74 -18.88 -8.64
N LYS A 33 7.38 -17.71 -8.79
CA LYS A 33 8.74 -17.50 -8.28
C LYS A 33 8.60 -16.87 -6.90
N ILE A 34 8.66 -17.70 -5.87
N ILE A 34 8.68 -17.69 -5.87
CA ILE A 34 8.37 -17.28 -4.51
CA ILE A 34 8.33 -17.26 -4.50
C ILE A 34 9.60 -16.62 -3.90
C ILE A 34 9.56 -16.68 -3.81
N ILE A 35 9.37 -15.52 -3.19
CA ILE A 35 10.42 -14.82 -2.46
C ILE A 35 10.38 -15.15 -0.97
N PHE A 36 9.18 -15.21 -0.42
CA PHE A 36 8.99 -15.38 1.02
C PHE A 36 7.62 -16.00 1.25
N GLU A 37 7.52 -16.85 2.27
CA GLU A 37 6.23 -17.43 2.62
C GLU A 37 6.16 -17.59 4.14
N ASP A 38 5.04 -17.20 4.73
CA ASP A 38 4.75 -17.53 6.13
C ASP A 38 3.30 -17.99 6.23
N ASP A 39 2.81 -18.12 7.47
CA ASP A 39 1.45 -18.62 7.66
C ASP A 39 0.38 -17.64 7.22
N ARG A 40 0.72 -16.35 7.07
N ARG A 40 0.72 -16.35 7.07
CA ARG A 40 -0.26 -15.32 6.76
CA ARG A 40 -0.27 -15.33 6.76
C ARG A 40 -0.19 -14.82 5.33
C ARG A 40 -0.18 -14.79 5.34
N CYS A 41 0.93 -14.99 4.65
CA CYS A 41 1.11 -14.32 3.36
C CYS A 41 2.17 -15.01 2.51
N LEU A 42 2.26 -14.54 1.27
CA LEU A 42 3.15 -15.08 0.26
C LEU A 42 3.64 -13.92 -0.57
N ALA A 43 4.94 -13.85 -0.84
CA ALA A 43 5.51 -12.85 -1.72
C ALA A 43 6.10 -13.56 -2.94
N PHE A 44 5.77 -13.08 -4.14
CA PHE A 44 6.22 -13.74 -5.35
C PHE A 44 6.32 -12.71 -6.47
N HIS A 45 7.14 -13.01 -7.47
CA HIS A 45 7.39 -12.04 -8.53
C HIS A 45 6.21 -11.93 -9.48
N ASP A 46 5.98 -10.71 -9.99
CA ASP A 46 4.90 -10.48 -10.94
C ASP A 46 5.29 -11.00 -12.33
N ILE A 47 4.35 -11.67 -12.99
CA ILE A 47 4.62 -12.28 -14.29
C ILE A 47 4.75 -11.24 -15.41
N SER A 48 4.25 -10.03 -15.19
N SER A 48 4.25 -10.03 -15.19
CA SER A 48 4.33 -8.94 -16.16
CA SER A 48 4.33 -8.93 -16.16
C SER A 48 4.94 -7.73 -15.48
C SER A 48 4.94 -7.72 -15.47
N PRO A 49 6.24 -7.78 -15.17
CA PRO A 49 6.85 -6.73 -14.35
C PRO A 49 6.83 -5.36 -15.02
N GLN A 50 6.53 -4.34 -14.22
CA GLN A 50 6.48 -2.96 -14.68
C GLN A 50 7.70 -2.17 -14.22
N ALA A 51 8.65 -2.84 -13.58
CA ALA A 51 9.89 -2.25 -13.11
C ALA A 51 10.91 -3.37 -13.06
N PRO A 52 12.20 -3.04 -13.00
CA PRO A 52 13.22 -4.09 -12.96
C PRO A 52 13.00 -5.13 -11.88
N THR A 53 12.50 -4.71 -10.72
CA THR A 53 11.96 -5.59 -9.69
C THR A 53 10.50 -5.25 -9.48
N HIS A 54 9.65 -6.25 -9.54
CA HIS A 54 8.22 -6.04 -9.33
C HIS A 54 7.66 -7.33 -8.78
N PHE A 55 7.25 -7.31 -7.51
CA PHE A 55 6.69 -8.48 -6.88
C PHE A 55 5.38 -8.13 -6.17
N LEU A 56 4.72 -9.16 -5.70
CA LEU A 56 3.42 -9.06 -5.06
C LEU A 56 3.50 -9.69 -3.67
N VAL A 57 2.80 -9.10 -2.71
CA VAL A 57 2.61 -9.71 -1.39
C VAL A 57 1.12 -9.90 -1.20
N ILE A 58 0.70 -11.13 -0.93
CA ILE A 58 -0.72 -11.43 -0.85
C ILE A 58 -1.02 -12.16 0.46
N PRO A 59 -2.19 -11.94 1.04
CA PRO A 59 -2.60 -12.77 2.18
C PRO A 59 -2.95 -14.17 1.70
N LYS A 60 -2.74 -15.15 2.58
CA LYS A 60 -3.28 -16.48 2.32
C LYS A 60 -4.80 -16.51 2.52
N LYS A 61 -5.31 -15.76 3.48
CA LYS A 61 -6.75 -15.58 3.61
C LYS A 61 -7.30 -14.87 2.38
N HIS A 62 -8.37 -15.40 1.81
CA HIS A 62 -8.96 -14.76 0.63
C HIS A 62 -9.81 -13.57 1.04
N ILE A 63 -9.40 -12.38 0.61
CA ILE A 63 -10.17 -11.14 0.67
C ILE A 63 -10.20 -10.62 -0.75
N SER A 64 -11.40 -10.32 -1.27
CA SER A 64 -11.50 -10.03 -2.70
C SER A 64 -10.85 -8.70 -3.06
N GLN A 65 -10.96 -7.71 -2.19
CA GLN A 65 -10.50 -6.36 -2.51
C GLN A 65 -10.47 -5.57 -1.22
N ILE A 66 -9.65 -4.50 -1.21
CA ILE A 66 -9.46 -3.76 0.02
C ILE A 66 -10.76 -3.14 0.51
N SER A 67 -11.66 -2.79 -0.41
N SER A 67 -11.67 -2.78 -0.40
CA SER A 67 -12.89 -2.11 -0.01
CA SER A 67 -12.89 -2.10 0.01
C SER A 67 -13.78 -2.97 0.89
C SER A 67 -13.78 -2.97 0.89
N VAL A 68 -13.59 -4.29 0.88
CA VAL A 68 -14.39 -5.19 1.71
C VAL A 68 -13.61 -5.78 2.87
N ALA A 69 -12.38 -5.33 3.10
CA ALA A 69 -11.61 -5.83 4.22
C ALA A 69 -12.30 -5.47 5.54
N GLU A 70 -12.20 -6.37 6.50
CA GLU A 70 -12.83 -6.16 7.79
C GLU A 70 -11.89 -5.44 8.73
N ASP A 71 -12.47 -4.80 9.76
CA ASP A 71 -11.66 -4.09 10.74
C ASP A 71 -10.61 -5.00 11.35
N ASP A 72 -10.94 -6.27 11.60
CA ASP A 72 -9.97 -7.16 12.21
C ASP A 72 -8.91 -7.66 11.23
N ASP A 73 -8.97 -7.25 9.97
CA ASP A 73 -7.91 -7.53 9.01
C ASP A 73 -6.73 -6.55 9.10
N GLU A 74 -6.75 -5.62 10.05
CA GLU A 74 -5.73 -4.57 10.09
C GLU A 74 -4.32 -5.16 10.21
N SER A 75 -4.12 -6.07 11.16
N SER A 75 -4.10 -6.05 11.17
CA SER A 75 -2.78 -6.59 11.38
CA SER A 75 -2.75 -6.57 11.36
C SER A 75 -2.28 -7.34 10.15
C SER A 75 -2.27 -7.35 10.16
N LEU A 76 -3.16 -8.11 9.50
CA LEU A 76 -2.78 -8.84 8.30
C LEU A 76 -2.37 -7.89 7.18
N LEU A 77 -3.15 -6.82 6.98
CA LEU A 77 -2.82 -5.85 5.95
C LEU A 77 -1.49 -5.17 6.23
N GLY A 78 -1.26 -4.77 7.48
CA GLY A 78 0.03 -4.21 7.85
C GLY A 78 1.15 -5.21 7.66
N HIS A 79 0.88 -6.49 7.94
CA HIS A 79 1.89 -7.52 7.74
C HIS A 79 2.32 -7.60 6.28
N LEU A 80 1.39 -7.38 5.35
CA LEU A 80 1.79 -7.35 3.94
C LEU A 80 2.84 -6.28 3.68
N MET A 81 2.69 -5.11 4.32
N MET A 81 2.69 -5.09 4.30
CA MET A 81 3.63 -4.02 4.09
CA MET A 81 3.65 -4.02 4.06
C MET A 81 4.96 -4.29 4.76
C MET A 81 4.98 -4.30 4.75
N ILE A 82 4.95 -4.88 5.95
CA ILE A 82 6.20 -5.22 6.62
C ILE A 82 6.95 -6.28 5.85
N VAL A 83 6.24 -7.32 5.39
CA VAL A 83 6.87 -8.34 4.54
C VAL A 83 7.37 -7.70 3.24
N GLY A 84 6.56 -6.83 2.64
CA GLY A 84 6.99 -6.14 1.44
C GLY A 84 8.29 -5.38 1.61
N LYS A 85 8.41 -4.62 2.72
CA LYS A 85 9.63 -3.84 2.89
C LYS A 85 10.82 -4.74 3.23
N LYS A 86 10.60 -5.83 3.97
CA LYS A 86 11.68 -6.76 4.25
C LYS A 86 12.15 -7.44 2.98
N CYS A 87 11.22 -7.90 2.14
CA CYS A 87 11.62 -8.51 0.87
C CYS A 87 12.37 -7.52 0.00
N ALA A 88 11.91 -6.25 -0.03
CA ALA A 88 12.60 -5.26 -0.84
C ALA A 88 14.05 -5.10 -0.41
N ALA A 89 14.28 -5.07 0.90
CA ALA A 89 15.65 -4.98 1.39
C ALA A 89 16.45 -6.22 1.02
N ASP A 90 15.85 -7.41 1.17
CA ASP A 90 16.54 -8.64 0.84
C ASP A 90 16.85 -8.73 -0.65
N LEU A 91 16.06 -8.06 -1.48
CA LEU A 91 16.30 -8.01 -2.93
C LEU A 91 17.22 -6.85 -3.32
N GLY A 92 17.77 -6.13 -2.35
CA GLY A 92 18.74 -5.10 -2.68
C GLY A 92 18.18 -3.82 -3.25
N LEU A 93 16.92 -3.50 -2.99
CA LEU A 93 16.31 -2.25 -3.46
C LEU A 93 16.67 -1.09 -2.54
N ASN A 94 17.98 -0.82 -2.46
N ASN A 94 17.98 -0.82 -2.45
CA ASN A 94 18.52 0.14 -1.50
CA ASN A 94 18.49 0.14 -1.48
C ASN A 94 18.20 1.59 -1.86
C ASN A 94 18.22 1.59 -1.86
N LYS A 95 17.81 1.87 -3.10
CA LYS A 95 17.44 3.22 -3.50
C LYS A 95 15.95 3.49 -3.34
N GLY A 96 15.16 2.50 -2.95
CA GLY A 96 13.75 2.70 -2.65
C GLY A 96 12.86 1.90 -3.58
N TYR A 97 11.56 2.16 -3.45
CA TYR A 97 10.55 1.35 -4.13
C TYR A 97 9.19 2.01 -3.89
N ARG A 98 8.18 1.53 -4.62
CA ARG A 98 6.81 1.99 -4.50
C ARG A 98 5.91 0.80 -4.20
N MET A 99 5.03 0.97 -3.22
CA MET A 99 4.03 -0.03 -2.87
C MET A 99 2.66 0.46 -3.35
N VAL A 100 1.88 -0.44 -3.95
CA VAL A 100 0.61 -0.05 -4.58
C VAL A 100 -0.46 -1.09 -4.26
N VAL A 101 -1.64 -0.62 -3.86
CA VAL A 101 -2.84 -1.46 -3.79
C VAL A 101 -3.87 -0.88 -4.76
N ASN A 102 -4.37 -1.71 -5.66
CA ASN A 102 -5.37 -1.31 -6.63
C ASN A 102 -6.75 -1.78 -6.18
N GLU A 103 -7.74 -0.89 -6.19
CA GLU A 103 -9.11 -1.23 -5.84
C GLU A 103 -10.03 -1.01 -7.04
N GLY A 104 -10.70 -2.07 -7.47
CA GLY A 104 -11.78 -1.91 -8.42
C GLY A 104 -11.32 -1.42 -9.79
N SER A 105 -12.32 -0.96 -10.55
CA SER A 105 -12.10 -0.66 -11.97
C SER A 105 -11.21 0.57 -12.15
N ASP A 106 -11.54 1.66 -11.45
CA ASP A 106 -10.72 2.87 -11.55
C ASP A 106 -9.32 2.64 -10.97
N GLY A 107 -9.19 1.74 -9.99
CA GLY A 107 -7.88 1.42 -9.45
C GLY A 107 -7.05 0.51 -10.32
N GLY A 108 -7.62 -0.04 -11.38
CA GLY A 108 -6.88 -0.95 -12.23
C GLY A 108 -6.76 -2.36 -11.70
N GLN A 109 -7.64 -2.77 -10.79
CA GLN A 109 -7.57 -4.11 -10.25
C GLN A 109 -8.02 -5.14 -11.30
N SER A 110 -7.19 -6.17 -11.50
CA SER A 110 -7.51 -7.23 -12.45
C SER A 110 -7.62 -8.61 -11.82
N VAL A 111 -7.17 -8.79 -10.59
CA VAL A 111 -7.30 -10.04 -9.85
C VAL A 111 -7.96 -9.70 -8.52
N TYR A 112 -9.12 -10.32 -8.25
CA TYR A 112 -9.88 -9.99 -7.06
C TYR A 112 -9.52 -10.90 -5.88
N HIS A 113 -8.25 -10.74 -5.50
CA HIS A 113 -7.67 -11.25 -4.27
C HIS A 113 -6.69 -10.17 -3.84
N VAL A 114 -6.86 -9.65 -2.62
CA VAL A 114 -6.09 -8.49 -2.17
C VAL A 114 -4.61 -8.71 -2.38
N HIS A 115 -3.91 -7.68 -2.88
CA HIS A 115 -2.49 -7.86 -3.12
C HIS A 115 -1.78 -6.50 -3.09
N LEU A 116 -0.53 -6.53 -2.62
CA LEU A 116 0.32 -5.35 -2.56
C LEU A 116 1.41 -5.49 -3.62
N HIS A 117 1.45 -4.56 -4.58
CA HIS A 117 2.56 -4.51 -5.52
C HIS A 117 3.75 -3.82 -4.86
N VAL A 118 4.96 -4.29 -5.15
CA VAL A 118 6.18 -3.61 -4.76
C VAL A 118 7.06 -3.49 -6.00
N LEU A 119 7.39 -2.26 -6.37
CA LEU A 119 8.14 -1.99 -7.60
C LEU A 119 9.39 -1.18 -7.30
N GLY A 120 10.50 -1.55 -7.90
CA GLY A 120 11.72 -0.78 -7.74
C GLY A 120 12.75 -1.15 -8.77
N GLY A 121 13.98 -0.68 -8.52
CA GLY A 121 15.08 -0.86 -9.45
C GLY A 121 15.11 0.15 -10.58
N ARG A 122 14.22 1.14 -10.55
CA ARG A 122 14.27 2.28 -11.45
C ARG A 122 13.60 3.44 -10.73
N GLN A 123 13.79 4.64 -11.27
CA GLN A 123 13.07 5.79 -10.77
C GLN A 123 11.59 5.64 -11.09
N MET A 124 10.74 5.66 -10.06
CA MET A 124 9.31 5.70 -10.27
C MET A 124 8.86 7.15 -10.45
N HIS A 125 7.84 7.34 -11.27
CA HIS A 125 7.40 8.67 -11.69
C HIS A 125 6.11 9.07 -10.97
N TRP A 126 5.79 10.36 -11.07
CA TRP A 126 4.58 10.90 -10.49
C TRP A 126 3.80 11.60 -11.60
N PRO A 127 2.47 11.43 -11.66
CA PRO A 127 1.61 10.67 -10.73
C PRO A 127 1.80 9.16 -10.89
N PRO A 128 1.32 8.40 -9.90
CA PRO A 128 1.49 6.92 -9.94
C PRO A 128 0.40 6.26 -10.78
N GLY A 129 0.43 6.56 -12.07
CA GLY A 129 -0.66 6.20 -12.96
C GLY A 129 -1.76 7.22 -12.95
N GLY B 18 13.98 14.46 12.74
CA GLY B 18 13.63 15.82 12.38
C GLY B 18 12.15 15.99 12.06
N ASP B 19 11.62 17.18 12.34
CA ASP B 19 10.22 17.46 12.08
C ASP B 19 9.98 17.61 10.58
N THR B 20 8.73 17.43 10.18
CA THR B 20 8.32 17.64 8.79
C THR B 20 7.04 18.45 8.76
N ILE B 21 6.66 18.85 7.55
CA ILE B 21 5.41 19.58 7.38
C ILE B 21 4.20 18.75 7.81
N PHE B 22 4.29 17.42 7.69
CA PHE B 22 3.18 16.60 8.19
C PHE B 22 3.10 16.62 9.71
N GLY B 23 4.23 16.77 10.40
CA GLY B 23 4.18 16.99 11.84
C GLY B 23 3.46 18.28 12.19
N LYS B 24 3.72 19.34 11.42
CA LYS B 24 3.00 20.60 11.64
C LYS B 24 1.51 20.42 11.41
N ILE B 25 1.13 19.62 10.42
CA ILE B 25 -0.28 19.39 10.14
C ILE B 25 -0.93 18.61 11.28
N ILE B 26 -0.25 17.58 11.78
CA ILE B 26 -0.75 16.82 12.93
C ILE B 26 -0.95 17.73 14.13
N ARG B 27 -0.01 18.64 14.35
CA ARG B 27 -0.05 19.53 15.51
C ARG B 27 -0.99 20.71 15.31
N LYS B 28 -1.65 20.80 14.16
CA LYS B 28 -2.61 21.85 13.81
C LYS B 28 -1.94 23.22 13.71
N GLU B 29 -0.64 23.23 13.42
CA GLU B 29 0.10 24.48 13.30
C GLU B 29 -0.05 25.13 11.93
N ILE B 30 -0.38 24.36 10.89
CA ILE B 30 -0.71 24.93 9.59
C ILE B 30 -2.01 24.30 9.12
N PRO B 31 -2.78 24.96 8.26
CA PRO B 31 -4.07 24.41 7.87
C PRO B 31 -3.94 23.24 6.89
N ALA B 32 -4.93 22.35 6.98
CA ALA B 32 -5.11 21.26 6.04
C ALA B 32 -6.59 20.92 6.07
N LYS B 33 -7.09 20.38 4.96
CA LYS B 33 -8.50 19.99 4.84
C LYS B 33 -8.61 18.58 5.39
N ILE B 34 -8.93 18.48 6.68
CA ILE B 34 -8.95 17.20 7.37
C ILE B 34 -10.22 16.44 7.01
N ILE B 35 -10.06 15.17 6.67
CA ILE B 35 -11.17 14.28 6.37
C ILE B 35 -11.57 13.46 7.58
N PHE B 36 -10.59 12.98 8.33
CA PHE B 36 -10.86 12.10 9.45
C PHE B 36 -9.66 12.15 10.38
N GLU B 37 -9.93 12.00 11.68
CA GLU B 37 -8.85 11.93 12.66
C GLU B 37 -9.29 10.96 13.75
N ASP B 38 -8.32 10.22 14.29
CA ASP B 38 -8.55 9.46 15.52
C ASP B 38 -7.35 9.67 16.44
N ASP B 39 -7.17 8.77 17.41
CA ASP B 39 -6.07 8.90 18.37
C ASP B 39 -4.71 8.53 17.77
N ARG B 40 -4.67 7.94 16.58
CA ARG B 40 -3.42 7.40 16.05
C ARG B 40 -3.17 7.73 14.59
N CYS B 41 -4.08 8.39 13.90
CA CYS B 41 -3.84 8.74 12.50
C CYS B 41 -4.67 9.95 12.10
N LEU B 42 -4.36 10.47 10.93
CA LEU B 42 -5.01 11.66 10.41
C LEU B 42 -5.11 11.50 8.90
N ALA B 43 -6.28 11.80 8.34
CA ALA B 43 -6.48 11.78 6.90
C ALA B 43 -6.85 13.19 6.43
N PHE B 44 -6.22 13.63 5.34
CA PHE B 44 -6.43 14.98 4.85
C PHE B 44 -6.16 15.04 3.36
N HIS B 45 -6.79 15.99 2.68
CA HIS B 45 -6.62 16.10 1.24
C HIS B 45 -5.21 16.57 0.91
N ASP B 46 -4.65 16.01 -0.16
CA ASP B 46 -3.31 16.38 -0.59
C ASP B 46 -3.33 17.77 -1.24
N ILE B 47 -2.32 18.58 -0.91
CA ILE B 47 -2.26 19.94 -1.44
C ILE B 47 -1.90 19.99 -2.93
N SER B 48 -1.32 18.92 -3.47
N SER B 48 -1.33 18.91 -3.47
CA SER B 48 -0.97 18.84 -4.89
CA SER B 48 -0.96 18.82 -4.87
C SER B 48 -1.67 17.62 -5.48
C SER B 48 -1.66 17.61 -5.49
N PRO B 49 -2.99 17.68 -5.65
CA PRO B 49 -3.74 16.47 -6.03
C PRO B 49 -3.44 16.02 -7.45
N GLN B 50 -3.32 14.70 -7.61
CA GLN B 50 -3.03 14.06 -8.89
C GLN B 50 -4.24 13.35 -9.47
N ALA B 51 -5.41 13.46 -8.84
CA ALA B 51 -6.66 12.89 -9.29
C ALA B 51 -7.77 13.72 -8.69
N PRO B 52 -9.00 13.59 -9.19
CA PRO B 52 -10.10 14.40 -8.64
C PRO B 52 -10.28 14.24 -7.14
N THR B 53 -10.00 13.04 -6.60
CA THR B 53 -9.87 12.83 -5.17
C THR B 53 -8.46 12.32 -4.92
N HIS B 54 -7.72 13.00 -4.04
CA HIS B 54 -6.38 12.58 -3.69
C HIS B 54 -6.14 13.03 -2.26
N PHE B 55 -6.13 12.08 -1.33
CA PHE B 55 -5.88 12.37 0.07
C PHE B 55 -4.77 11.48 0.61
N LEU B 56 -4.34 11.81 1.83
CA LEU B 56 -3.29 11.10 2.53
C LEU B 56 -3.83 10.59 3.85
N VAL B 57 -3.33 9.43 4.28
CA VAL B 57 -3.56 8.92 5.63
C VAL B 57 -2.18 8.73 6.27
N ILE B 58 -1.96 9.39 7.41
CA ILE B 58 -0.65 9.35 8.04
C ILE B 58 -0.78 8.93 9.51
N PRO B 59 0.19 8.19 10.04
CA PRO B 59 0.19 7.89 11.48
C PRO B 59 0.61 9.13 12.25
N LYS B 60 0.12 9.25 13.48
CA LYS B 60 0.63 10.32 14.33
C LYS B 60 2.02 10.01 14.85
N LYS B 61 2.35 8.72 14.98
CA LYS B 61 3.70 8.31 15.33
C LYS B 61 4.64 8.65 14.17
N HIS B 62 5.77 9.28 14.47
CA HIS B 62 6.69 9.69 13.40
C HIS B 62 7.56 8.52 13.00
N ILE B 63 7.05 7.73 12.06
CA ILE B 63 7.84 6.76 11.33
C ILE B 63 8.30 7.48 10.06
N SER B 64 9.61 7.57 9.86
CA SER B 64 10.11 8.42 8.77
C SER B 64 9.83 7.83 7.40
N GLN B 65 9.82 6.50 7.28
CA GLN B 65 9.68 5.82 6.00
C GLN B 65 9.35 4.37 6.27
N ILE B 66 8.68 3.74 5.30
CA ILE B 66 8.21 2.38 5.53
C ILE B 66 9.36 1.41 5.76
N SER B 67 10.54 1.70 5.20
CA SER B 67 11.67 0.78 5.35
C SER B 67 12.13 0.66 6.80
N VAL B 68 11.80 1.63 7.66
CA VAL B 68 12.20 1.57 9.06
C VAL B 68 11.07 1.17 10.00
N ALA B 69 9.88 0.88 9.48
CA ALA B 69 8.80 0.41 10.34
C ALA B 69 9.18 -0.92 10.98
N GLU B 70 8.68 -1.12 12.20
CA GLU B 70 8.96 -2.31 12.98
C GLU B 70 7.79 -3.29 12.92
N ASP B 71 8.07 -4.54 13.32
CA ASP B 71 7.01 -5.54 13.34
C ASP B 71 5.82 -5.11 14.19
N ASP B 72 6.09 -4.45 15.32
N ASP B 72 6.08 -4.45 15.32
CA ASP B 72 5.02 -3.98 16.20
CA ASP B 72 4.99 -4.00 16.18
C ASP B 72 4.15 -2.90 15.56
C ASP B 72 4.19 -2.86 15.59
N ASP B 73 4.57 -2.35 14.41
CA ASP B 73 3.80 -1.33 13.71
C ASP B 73 2.76 -1.93 12.76
N GLU B 74 2.64 -3.26 12.69
N GLU B 74 2.67 -3.26 12.65
CA GLU B 74 1.77 -3.87 11.68
CA GLU B 74 1.84 -3.86 11.61
C GLU B 74 0.32 -3.41 11.83
C GLU B 74 0.37 -3.46 11.75
N SER B 75 -0.22 -3.47 13.06
N SER B 75 -0.15 -3.43 12.98
CA SER B 75 -1.59 -3.03 13.26
CA SER B 75 -1.55 -3.05 13.16
C SER B 75 -1.79 -1.59 12.83
C SER B 75 -1.77 -1.59 12.78
N LEU B 76 -0.84 -0.71 13.18
CA LEU B 76 -0.96 0.70 12.83
C LEU B 76 -0.94 0.91 11.33
N LEU B 77 -0.03 0.23 10.62
CA LEU B 77 0.02 0.35 9.17
C LEU B 77 -1.27 -0.17 8.53
N GLY B 78 -1.77 -1.32 8.99
CA GLY B 78 -3.06 -1.79 8.50
C GLY B 78 -4.18 -0.82 8.81
N HIS B 79 -4.11 -0.18 9.98
CA HIS B 79 -5.11 0.85 10.33
C HIS B 79 -5.13 1.98 9.31
N LEU B 80 -3.97 2.41 8.81
CA LEU B 80 -3.95 3.44 7.78
C LEU B 80 -4.74 2.99 6.55
N MET B 81 -4.61 1.72 6.17
CA MET B 81 -5.31 1.23 5.00
C MET B 81 -6.81 1.09 5.23
N ILE B 82 -7.21 0.63 6.44
CA ILE B 82 -8.64 0.53 6.74
C ILE B 82 -9.27 1.91 6.81
N VAL B 83 -8.61 2.85 7.48
CA VAL B 83 -9.09 4.23 7.48
C VAL B 83 -9.15 4.79 6.06
N GLY B 84 -8.12 4.50 5.26
CA GLY B 84 -8.11 4.96 3.89
C GLY B 84 -9.27 4.43 3.07
N LYS B 85 -9.56 3.11 3.19
CA LYS B 85 -10.67 2.59 2.41
C LYS B 85 -12.02 3.10 2.92
N LYS B 86 -12.15 3.35 4.22
CA LYS B 86 -13.39 3.92 4.76
C LYS B 86 -13.57 5.36 4.29
N CYS B 87 -12.51 6.15 4.31
CA CYS B 87 -12.60 7.52 3.79
C CYS B 87 -12.93 7.53 2.31
N ALA B 88 -12.34 6.61 1.55
CA ALA B 88 -12.63 6.54 0.11
C ALA B 88 -14.10 6.28 -0.13
N ALA B 89 -14.70 5.35 0.63
CA ALA B 89 -16.13 5.11 0.50
C ALA B 89 -16.94 6.35 0.86
N ASP B 90 -16.56 7.02 1.95
CA ASP B 90 -17.27 8.23 2.37
C ASP B 90 -17.15 9.35 1.34
N LEU B 91 -16.03 9.40 0.62
CA LEU B 91 -15.84 10.41 -0.41
C LEU B 91 -16.46 10.03 -1.74
N GLY B 92 -17.19 8.90 -1.79
CA GLY B 92 -17.94 8.53 -2.97
C GLY B 92 -17.17 7.81 -4.05
N LEU B 93 -16.01 7.22 -3.72
CA LEU B 93 -15.17 6.57 -4.72
C LEU B 93 -15.65 5.13 -4.99
N ASN B 94 -16.88 5.04 -5.48
CA ASN B 94 -17.51 3.74 -5.65
C ASN B 94 -17.03 2.98 -6.88
N LYS B 95 -16.24 3.62 -7.75
CA LYS B 95 -15.68 2.93 -8.91
C LYS B 95 -14.25 2.45 -8.68
N GLY B 96 -13.68 2.73 -7.52
CA GLY B 96 -12.35 2.26 -7.18
C GLY B 96 -11.37 3.39 -6.94
N TYR B 97 -10.13 2.99 -6.65
CA TYR B 97 -9.09 3.93 -6.25
C TYR B 97 -7.78 3.15 -6.16
N ARG B 98 -6.69 3.90 -5.99
CA ARG B 98 -5.36 3.34 -5.83
C ARG B 98 -4.73 3.88 -4.57
N MET B 99 -4.09 2.99 -3.79
CA MET B 99 -3.34 3.37 -2.60
C MET B 99 -1.86 3.22 -2.88
N VAL B 100 -1.06 4.18 -2.43
CA VAL B 100 0.37 4.19 -2.75
C VAL B 100 1.17 4.58 -1.51
N VAL B 101 2.24 3.83 -1.23
CA VAL B 101 3.28 4.24 -0.28
C VAL B 101 4.60 4.30 -1.04
N ASN B 102 5.26 5.45 -0.99
CA ASN B 102 6.55 5.63 -1.64
C ASN B 102 7.67 5.53 -0.63
N GLU B 103 8.77 4.89 -1.02
CA GLU B 103 9.95 4.75 -0.17
C GLU B 103 11.18 5.26 -0.91
N GLY B 104 11.85 6.24 -0.32
CA GLY B 104 13.16 6.62 -0.83
C GLY B 104 13.13 7.37 -2.16
N SER B 105 14.33 7.52 -2.74
N SER B 105 14.34 7.53 -2.72
CA SER B 105 14.47 8.34 -3.94
CA SER B 105 14.53 8.30 -3.93
C SER B 105 13.82 7.66 -5.15
C SER B 105 13.83 7.65 -5.13
N ASP B 106 14.09 6.37 -5.35
CA ASP B 106 13.46 5.67 -6.47
C ASP B 106 11.95 5.59 -6.30
N GLY B 107 11.46 5.50 -5.05
CA GLY B 107 10.02 5.52 -4.85
C GLY B 107 9.39 6.88 -5.02
N GLY B 108 10.19 7.94 -5.07
CA GLY B 108 9.63 9.27 -5.20
C GLY B 108 9.06 9.81 -3.91
N GLN B 109 9.54 9.33 -2.77
CA GLN B 109 8.99 9.76 -1.49
C GLN B 109 9.30 11.24 -1.26
N SER B 110 8.26 12.04 -0.99
CA SER B 110 8.39 13.49 -0.93
C SER B 110 8.52 14.06 0.47
N VAL B 111 7.91 13.43 1.49
CA VAL B 111 8.01 13.85 2.88
C VAL B 111 8.45 12.63 3.67
N TYR B 112 9.44 12.79 4.54
CA TYR B 112 9.95 11.68 5.35
C TYR B 112 9.15 11.53 6.65
N HIS B 113 7.87 11.31 6.43
CA HIS B 113 6.91 10.85 7.44
C HIS B 113 6.00 9.91 6.65
N VAL B 114 5.89 8.66 7.10
N VAL B 114 5.93 8.65 7.06
CA VAL B 114 5.14 7.65 6.37
CA VAL B 114 5.26 7.66 6.22
C VAL B 114 3.76 8.18 6.00
C VAL B 114 3.81 8.06 6.00
N HIS B 115 3.36 7.98 4.74
CA HIS B 115 2.05 8.44 4.32
C HIS B 115 1.49 7.54 3.24
N LEU B 116 0.20 7.23 3.36
CA LEU B 116 -0.54 6.44 2.38
C LEU B 116 -1.32 7.40 1.48
N HIS B 117 -0.97 7.45 0.20
CA HIS B 117 -1.76 8.18 -0.78
C HIS B 117 -2.99 7.36 -1.13
N VAL B 118 -4.14 8.02 -1.31
CA VAL B 118 -5.33 7.40 -1.87
C VAL B 118 -5.84 8.28 -2.99
N LEU B 119 -5.92 7.73 -4.20
CA LEU B 119 -6.27 8.49 -5.40
C LEU B 119 -7.44 7.85 -6.12
N GLY B 120 -8.41 8.66 -6.53
CA GLY B 120 -9.50 8.14 -7.32
C GLY B 120 -10.26 9.26 -8.00
N GLY B 121 -11.42 8.91 -8.53
CA GLY B 121 -12.22 9.84 -9.30
C GLY B 121 -11.84 9.92 -10.76
N ARG B 122 -10.86 9.13 -11.19
CA ARG B 122 -10.49 8.98 -12.60
C ARG B 122 -9.91 7.59 -12.77
N GLN B 123 -9.77 7.17 -14.02
CA GLN B 123 -9.06 5.94 -14.31
C GLN B 123 -7.60 6.10 -13.92
N MET B 124 -7.11 5.22 -13.06
CA MET B 124 -5.68 5.14 -12.77
C MET B 124 -5.05 4.18 -13.77
N HIS B 125 -3.83 4.50 -14.21
CA HIS B 125 -3.24 3.79 -15.34
C HIS B 125 -2.11 2.86 -14.90
N TRP B 126 -1.68 2.04 -15.85
CA TRP B 126 -0.64 1.07 -15.57
C TRP B 126 0.42 1.26 -16.65
N PRO B 127 1.71 1.35 -16.25
CA PRO B 127 2.27 1.18 -14.91
C PRO B 127 1.95 2.32 -13.95
N PRO B 128 2.08 2.08 -12.63
CA PRO B 128 1.76 3.11 -11.63
C PRO B 128 2.93 4.06 -11.42
N GLY B 129 3.29 4.77 -12.49
CA GLY B 129 4.52 5.55 -12.48
C GLY B 129 5.71 4.71 -12.90
N1 KB7 C . 1.55 -15.20 -11.92
C2 KB7 C . 2.12 -14.11 -11.40
O2 KB7 C . -4.82 -6.43 -10.17
N3 KB7 C . 1.55 -12.88 -11.45
C4 KB7 C . 0.34 -12.72 -12.03
N4 KB7 C . -3.79 -4.67 -11.19
C5 KB7 C . -0.35 -13.89 -12.62
C6 KB7 C . 0.35 -15.18 -12.53
C1' KB7 C . -0.21 -10.33 -11.84
C2' KB7 C . -0.36 -9.36 -13.01
O2' KB7 C . 0.79 -9.34 -13.84
C3' KB7 C . -0.70 -8.04 -12.30
O3' KB7 C . 0.46 -7.21 -12.17
C4' KB7 C . -1.19 -8.49 -10.90
O4' KB7 C . -1.16 -9.92 -10.92
C5' KB7 C . -2.56 -8.02 -10.56
O6 KB7 C . -0.16 -16.22 -13.03
N2 KB7 C . 3.33 -14.23 -10.80
N7 KB7 C . -1.51 -13.45 -13.12
C8 KB7 C . -1.59 -12.12 -12.88
N9 KB7 C . -0.49 -11.70 -12.23
O5' KB7 C . -2.60 -6.60 -10.69
C1 KB7 C . -3.84 -5.89 -10.66
C7 KB7 C . -2.63 -4.28 -11.97
C9 KB7 C . -2.80 -4.55 -13.45
CL CL D . 5.44 10.44 -1.33
#